data_6AU8
#
_entry.id   6AU8
#
_cell.length_a   41.660
_cell.length_b   84.560
_cell.length_c   102.580
_cell.angle_alpha   90.000
_cell.angle_beta   90.000
_cell.angle_gamma   90.000
#
_symmetry.space_group_name_H-M   'P 21 21 21'
#
loop_
_entity.id
_entity.type
_entity.pdbx_description
1 polymer 'Golgi to ER traffic protein 4 homolog'
2 polymer 'Large proline-rich protein BAG6'
3 non-polymer GLYCEROL
4 water water
#
loop_
_entity_poly.entity_id
_entity_poly.type
_entity_poly.pdbx_seq_one_letter_code
_entity_poly.pdbx_strand_id
1 'polypeptide(L)'
;VQRVEGKLRASVEKGDYYEAHQMYRTLFFRYMSQSKHTEARELMYSGALLFFSHGQQNSAADLSMLVLESLEKAEVEVAD
ELLENLAKVFSLMDPNSPERVTFVSRALKWSSGGSGKLGHPRLHQLLALTLWKEQNYCESRYHFLHSADGEGCANMLVEY
STSRGFRSEVDMFVAQAVLQFLCLKNKSSASVVFTTYTQKHPSIEDGPPFVEPLLNFIWFLLLAVDGGKLTVFTVLCEQY
QPSLRRDPMYNEYLDRIGQLFFGVPPKQTSSYGGLLGNLLTSL
;
A
2 'polypeptide(L)' EPWAAAVPPEWVPIIQQDIQSQRKVKPQPPLSDAYLSGMPAKR C
#
# COMPACT_ATOMS: atom_id res chain seq x y z
N ARG A 3 -16.08 34.93 10.28
CA ARG A 3 -15.94 36.33 10.70
C ARG A 3 -14.47 36.79 10.72
N VAL A 4 -13.70 36.18 11.63
CA VAL A 4 -12.28 36.53 11.74
C VAL A 4 -11.54 36.07 10.50
N GLU A 5 -12.09 35.07 9.84
CA GLU A 5 -11.49 34.53 8.62
C GLU A 5 -11.32 35.64 7.59
N GLY A 6 -12.28 36.55 7.54
CA GLY A 6 -12.21 37.67 6.62
C GLY A 6 -10.98 38.52 6.83
N LYS A 7 -10.64 38.77 8.10
CA LYS A 7 -9.55 39.68 8.42
C LYS A 7 -8.18 39.01 8.17
N LEU A 8 -8.07 37.75 8.57
CA LEU A 8 -6.87 36.94 8.34
C LEU A 8 -6.63 36.80 6.85
N ARG A 9 -7.70 36.56 6.11
CA ARG A 9 -7.61 36.37 4.67
C ARG A 9 -7.05 37.63 3.99
N ALA A 10 -7.45 38.79 4.49
CA ALA A 10 -6.92 40.04 3.97
C ALA A 10 -5.42 40.17 4.23
N SER A 11 -4.94 39.73 5.39
CA SER A 11 -3.52 39.82 5.68
C SER A 11 -2.72 38.91 4.78
N VAL A 12 -3.23 37.70 4.53
CA VAL A 12 -2.52 36.79 3.62
C VAL A 12 -2.46 37.41 2.22
N GLU A 13 -3.58 37.94 1.75
CA GLU A 13 -3.65 38.50 0.40
C GLU A 13 -2.75 39.71 0.23
N LYS A 14 -2.53 40.47 1.30
CA LYS A 14 -1.57 41.57 1.28
C LYS A 14 -0.11 41.08 1.28
N GLY A 15 0.11 39.79 1.51
CA GLY A 15 1.47 39.28 1.60
C GLY A 15 2.08 39.31 2.99
N ASP A 16 1.28 39.57 4.02
CA ASP A 16 1.81 39.55 5.39
C ASP A 16 1.70 38.14 5.96
N TYR A 17 2.50 37.22 5.40
CA TYR A 17 2.30 35.79 5.66
C TYR A 17 2.72 35.41 7.07
N TYR A 18 3.85 35.95 7.50
CA TYR A 18 4.37 35.66 8.83
C TYR A 18 3.37 36.10 9.90
N GLU A 19 2.87 37.32 9.72
CA GLU A 19 1.92 37.89 10.65
C GLU A 19 0.61 37.11 10.71
N ALA A 20 0.06 36.78 9.55
CA ALA A 20 -1.17 36.00 9.50
C ALA A 20 -0.94 34.65 10.15
N HIS A 21 0.20 34.02 9.87
CA HIS A 21 0.52 32.72 10.43
C HIS A 21 0.48 32.74 11.96
N GLN A 22 1.13 33.73 12.58
CA GLN A 22 1.16 33.78 14.03
C GLN A 22 -0.21 34.11 14.60
N MET A 23 -1.02 34.86 13.86
CA MET A 23 -2.37 35.15 14.32
C MET A 23 -3.24 33.90 14.25
N TYR A 24 -3.06 33.07 13.22
CA TYR A 24 -3.80 31.83 13.14
C TYR A 24 -3.47 30.96 14.35
N ARG A 25 -2.18 30.91 14.68
CA ARG A 25 -1.71 30.11 15.80
C ARG A 25 -2.29 30.65 17.09
N THR A 26 -2.29 31.97 17.23
CA THR A 26 -2.86 32.57 18.44
C THR A 26 -4.31 32.17 18.63
N LEU A 27 -5.12 32.30 17.59
CA LEU A 27 -6.52 31.98 17.71
C LEU A 27 -6.71 30.46 17.91
N PHE A 28 -5.89 29.65 17.26
CA PHE A 28 -5.96 28.21 17.47
C PHE A 28 -5.84 27.86 18.96
N PHE A 29 -4.81 28.35 19.60
CA PHE A 29 -4.56 27.95 20.99
C PHE A 29 -5.64 28.56 21.88
N ARG A 30 -6.11 29.75 21.53
CA ARG A 30 -7.16 30.38 22.30
C ARG A 30 -8.44 29.55 22.24
N TYR A 31 -8.86 29.20 21.04
CA TYR A 31 -10.04 28.35 20.86
C TYR A 31 -9.87 27.01 21.56
N MET A 32 -8.68 26.41 21.40
CA MET A 32 -8.43 25.14 22.08
C MET A 32 -8.55 25.30 23.58
N SER A 33 -7.98 26.38 24.15
CA SER A 33 -8.10 26.59 25.61
C SER A 33 -9.54 26.70 26.09
N GLN A 34 -10.42 27.18 25.22
CA GLN A 34 -11.84 27.29 25.51
C GLN A 34 -12.64 26.04 25.12
N SER A 35 -11.93 24.95 24.82
CA SER A 35 -12.53 23.69 24.35
C SER A 35 -13.35 23.85 23.07
N LYS A 36 -13.08 24.90 22.30
CA LYS A 36 -13.72 25.08 21.00
C LYS A 36 -12.90 24.35 19.94
N HIS A 37 -12.80 23.02 20.07
CA HIS A 37 -11.90 22.22 19.23
C HIS A 37 -12.29 22.27 17.76
N THR A 38 -13.60 22.29 17.52
CA THR A 38 -14.12 22.29 16.18
C THR A 38 -13.79 23.57 15.47
N GLU A 39 -14.05 24.70 16.14
CA GLU A 39 -13.78 26.01 15.54
C GLU A 39 -12.27 26.15 15.26
N ALA A 40 -11.46 25.61 16.16
CA ALA A 40 -10.02 25.67 16.02
C ALA A 40 -9.58 24.92 14.75
N ARG A 41 -10.06 23.71 14.56
CA ARG A 41 -9.74 22.89 13.39
C ARG A 41 -10.21 23.52 12.09
N GLU A 42 -11.41 24.07 12.11
CA GLU A 42 -12.01 24.62 10.89
C GLU A 42 -11.23 25.82 10.40
N LEU A 43 -10.82 26.66 11.34
CA LEU A 43 -10.03 27.84 11.03
C LEU A 43 -8.65 27.42 10.49
N MET A 44 -8.03 26.41 11.11
CA MET A 44 -6.70 25.98 10.66
C MET A 44 -6.76 25.36 9.26
N TYR A 45 -7.83 24.63 8.97
CA TYR A 45 -7.95 23.96 7.69
C TYR A 45 -8.13 25.01 6.60
N SER A 46 -9.00 25.97 6.83
CA SER A 46 -9.20 27.01 5.82
C SER A 46 -7.94 27.85 5.64
N GLY A 47 -7.21 28.08 6.73
CA GLY A 47 -5.94 28.79 6.67
C GLY A 47 -4.87 28.03 5.90
N ALA A 48 -4.78 26.72 6.15
CA ALA A 48 -3.84 25.88 5.40
C ALA A 48 -4.06 25.99 3.90
N LEU A 49 -5.31 25.83 3.50
CA LEU A 49 -5.68 25.89 2.08
C LEU A 49 -5.29 27.26 1.49
N LEU A 50 -5.56 28.32 2.24
CA LEU A 50 -5.22 29.65 1.80
C LEU A 50 -3.71 29.82 1.65
N PHE A 51 -2.94 29.38 2.65
CA PHE A 51 -1.48 29.46 2.49
C PHE A 51 -0.97 28.58 1.33
N PHE A 52 -1.57 27.40 1.12
CA PHE A 52 -1.12 26.58 0.00
C PHE A 52 -1.33 27.31 -1.35
N SER A 53 -2.44 28.04 -1.46
CA SER A 53 -2.74 28.74 -2.71
C SER A 53 -1.73 29.85 -3.02
N HIS A 54 -0.96 30.28 -2.02
CA HIS A 54 0.04 31.31 -2.17
C HIS A 54 1.45 30.74 -2.27
N GLY A 55 1.56 29.42 -2.30
CA GLY A 55 2.84 28.74 -2.31
C GLY A 55 3.55 28.75 -0.97
N GLN A 56 2.87 29.15 0.09
CA GLN A 56 3.51 29.20 1.40
C GLN A 56 3.41 27.85 2.12
N GLN A 57 4.26 26.92 1.71
CA GLN A 57 4.17 25.54 2.14
C GLN A 57 4.50 25.38 3.59
N ASN A 58 5.47 26.11 4.09
CA ASN A 58 5.87 25.93 5.48
C ASN A 58 4.76 26.33 6.43
N SER A 59 4.13 27.47 6.19
CA SER A 59 2.99 27.88 7.01
C SER A 59 1.80 26.94 6.86
N ALA A 60 1.50 26.51 5.64
CA ALA A 60 0.36 25.63 5.41
C ALA A 60 0.56 24.32 6.15
N ALA A 61 1.78 23.79 6.08
CA ALA A 61 2.07 22.52 6.75
C ALA A 61 1.93 22.66 8.26
N ASP A 62 2.40 23.77 8.80
CA ASP A 62 2.25 24.02 10.24
C ASP A 62 0.79 24.06 10.66
N LEU A 63 -0.06 24.77 9.93
CA LEU A 63 -1.48 24.78 10.25
C LEU A 63 -2.13 23.40 10.09
N SER A 64 -1.65 22.62 9.11
CA SER A 64 -2.11 21.24 8.92
C SER A 64 -1.83 20.34 10.13
N MET A 65 -0.70 20.55 10.79
CA MET A 65 -0.37 19.80 12.00
C MET A 65 -1.33 20.23 13.10
N LEU A 66 -1.75 21.50 13.11
CA LEU A 66 -2.68 21.94 14.15
C LEU A 66 -4.08 21.37 13.94
N VAL A 67 -4.48 21.16 12.67
CA VAL A 67 -5.69 20.37 12.39
C VAL A 67 -5.63 19.04 13.14
N LEU A 68 -4.52 18.32 13.00
CA LEU A 68 -4.37 17.01 13.65
C LEU A 68 -4.34 17.13 15.17
N GLU A 69 -3.72 18.18 15.69
CA GLU A 69 -3.74 18.42 17.13
C GLU A 69 -5.16 18.53 17.67
N SER A 70 -6.02 19.29 16.97
CA SER A 70 -7.41 19.37 17.37
C SER A 70 -8.18 18.04 17.30
N LEU A 71 -8.00 17.31 16.18
CA LEU A 71 -8.58 15.99 16.03
C LEU A 71 -8.19 15.05 17.17
N GLU A 72 -6.93 15.12 17.58
CA GLU A 72 -6.41 14.28 18.63
C GLU A 72 -6.96 14.62 19.99
N LYS A 73 -6.90 15.91 20.34
CA LYS A 73 -7.33 16.36 21.67
C LYS A 73 -8.82 16.16 21.87
N ALA A 74 -9.59 16.35 20.82
CA ALA A 74 -11.03 16.19 20.87
C ALA A 74 -11.46 14.72 20.73
N GLU A 75 -10.52 13.84 20.45
CA GLU A 75 -10.80 12.40 20.31
C GLU A 75 -11.85 12.13 19.23
N VAL A 76 -11.72 12.84 18.11
CA VAL A 76 -12.58 12.70 16.95
C VAL A 76 -12.32 11.36 16.28
N GLU A 77 -13.39 10.72 15.83
CA GLU A 77 -13.31 9.45 15.11
C GLU A 77 -13.21 9.71 13.63
N VAL A 78 -12.79 8.70 12.87
CA VAL A 78 -12.73 8.83 11.44
C VAL A 78 -14.13 9.05 10.86
N ALA A 79 -14.20 9.95 9.90
CA ALA A 79 -15.38 10.16 9.06
C ALA A 79 -14.91 10.49 7.66
N ASP A 80 -15.72 10.22 6.65
CA ASP A 80 -15.26 10.34 5.27
C ASP A 80 -14.76 11.74 4.96
N GLU A 81 -15.49 12.74 5.42
CA GLU A 81 -15.15 14.11 5.12
C GLU A 81 -13.79 14.50 5.71
N LEU A 82 -13.51 14.01 6.91
CA LEU A 82 -12.27 14.33 7.58
C LEU A 82 -11.10 13.70 6.82
N LEU A 83 -11.29 12.46 6.40
CA LEU A 83 -10.20 11.79 5.67
C LEU A 83 -9.91 12.50 4.37
N GLU A 84 -10.96 12.92 3.69
CA GLU A 84 -10.81 13.57 2.41
C GLU A 84 -10.12 14.93 2.60
N ASN A 85 -10.39 15.60 3.70
CA ASN A 85 -9.73 16.85 4.03
C ASN A 85 -8.24 16.67 4.27
N LEU A 86 -7.90 15.68 5.06
CA LEU A 86 -6.52 15.38 5.34
C LEU A 86 -5.77 14.94 4.08
N ALA A 87 -6.38 14.15 3.21
CA ALA A 87 -5.69 13.77 1.96
C ALA A 87 -5.52 14.97 1.02
N LYS A 88 -6.45 15.92 1.07
CA LYS A 88 -6.34 17.11 0.24
C LYS A 88 -5.11 17.92 0.64
N VAL A 89 -4.97 18.19 1.92
CA VAL A 89 -3.80 18.85 2.47
C VAL A 89 -2.51 18.09 2.10
N PHE A 90 -2.51 16.77 2.24
CA PHE A 90 -1.36 15.95 1.84
C PHE A 90 -0.98 16.21 0.41
N SER A 91 -1.99 16.32 -0.46
CA SER A 91 -1.74 16.42 -1.89
C SER A 91 -1.15 17.77 -2.28
N LEU A 92 -1.35 18.77 -1.41
CA LEU A 92 -0.84 20.13 -1.64
C LEU A 92 0.56 20.33 -1.10
N MET A 93 1.00 19.42 -0.26
CA MET A 93 2.30 19.56 0.35
C MET A 93 3.37 19.17 -0.65
N ASP A 94 4.54 19.77 -0.44
CA ASP A 94 5.71 19.47 -1.25
C ASP A 94 6.10 18.00 -1.16
N PRO A 95 6.06 17.26 -2.29
CA PRO A 95 6.39 15.83 -2.21
C PRO A 95 7.80 15.53 -1.66
N ASN A 96 8.70 16.51 -1.75
CA ASN A 96 10.06 16.42 -1.18
C ASN A 96 10.28 17.16 0.14
N SER A 97 9.30 17.16 1.05
CA SER A 97 9.47 17.81 2.35
C SER A 97 9.42 16.76 3.46
N PRO A 98 10.28 16.90 4.47
CA PRO A 98 10.13 16.01 5.62
C PRO A 98 8.76 16.18 6.26
N GLU A 99 8.16 17.36 6.07
CA GLU A 99 6.89 17.68 6.71
C GLU A 99 5.77 16.77 6.20
N ARG A 100 5.83 16.37 4.94
CA ARG A 100 4.80 15.51 4.43
C ARG A 100 4.90 14.13 5.11
N VAL A 101 6.12 13.66 5.32
CA VAL A 101 6.36 12.42 6.04
C VAL A 101 5.77 12.49 7.45
N THR A 102 6.05 13.58 8.14
CA THR A 102 5.56 13.81 9.49
C THR A 102 4.04 13.86 9.53
N PHE A 103 3.45 14.59 8.58
CA PHE A 103 2.00 14.70 8.53
C PHE A 103 1.35 13.37 8.28
N VAL A 104 1.89 12.57 7.37
CA VAL A 104 1.24 11.31 7.03
C VAL A 104 1.27 10.37 8.19
N SER A 105 2.39 10.35 8.88
CA SER A 105 2.56 9.45 10.01
C SER A 105 1.57 9.80 11.11
N ARG A 106 1.45 11.09 11.40
CA ARG A 106 0.56 11.55 12.45
C ARG A 106 -0.92 11.39 12.07
N ALA A 107 -1.22 11.60 10.79
CA ALA A 107 -2.61 11.45 10.34
C ALA A 107 -3.06 9.99 10.32
N LEU A 108 -2.18 9.09 9.88
CA LEU A 108 -2.51 7.68 9.91
C LEU A 108 -2.69 7.19 11.34
N LYS A 109 -1.84 7.68 12.25
CA LYS A 109 -1.94 7.26 13.63
C LYS A 109 -3.27 7.71 14.22
N TRP A 110 -3.67 8.95 13.96
CA TRP A 110 -4.96 9.43 14.41
C TRP A 110 -6.10 8.59 13.81
N SER A 111 -5.99 8.24 12.53
CA SER A 111 -7.06 7.55 11.81
C SER A 111 -7.21 6.09 12.30
N SER A 112 -6.24 5.61 13.06
CA SER A 112 -6.26 4.22 13.54
C SER A 112 -7.21 4.08 14.74
N GLY A 113 -7.43 5.18 15.44
CA GLY A 113 -8.13 5.14 16.71
C GLY A 113 -7.31 4.35 17.72
N GLY A 114 -6.01 4.64 17.76
CA GLY A 114 -5.02 3.94 18.57
C GLY A 114 -5.51 3.21 19.82
N GLY A 116 -7.56 -0.10 17.54
CA GLY A 116 -6.57 -0.69 16.66
C GLY A 116 -5.35 0.21 16.55
N LYS A 117 -4.41 -0.13 15.67
CA LYS A 117 -3.30 0.79 15.37
C LYS A 117 -2.94 0.76 13.88
N LEU A 118 -3.65 -0.05 13.10
CA LEU A 118 -3.54 0.07 11.66
C LEU A 118 -4.14 1.39 11.19
N GLY A 119 -3.38 2.14 10.39
CA GLY A 119 -3.91 3.29 9.69
C GLY A 119 -5.19 2.92 8.99
N HIS A 120 -6.16 3.84 8.94
CA HIS A 120 -7.43 3.51 8.32
C HIS A 120 -7.29 3.22 6.81
N PRO A 121 -7.90 2.13 6.31
CA PRO A 121 -7.61 1.82 4.91
C PRO A 121 -8.11 2.83 3.89
N ARG A 122 -9.16 3.58 4.20
CA ARG A 122 -9.62 4.63 3.29
C ARG A 122 -8.61 5.78 3.21
N LEU A 123 -7.91 6.08 4.31
CA LEU A 123 -6.89 7.11 4.24
C LEU A 123 -5.72 6.60 3.43
N HIS A 124 -5.31 5.36 3.68
CA HIS A 124 -4.27 4.78 2.84
C HIS A 124 -4.63 4.85 1.36
N GLN A 125 -5.88 4.54 1.02
CA GLN A 125 -6.34 4.57 -0.37
C GLN A 125 -6.18 5.97 -0.96
N LEU A 126 -6.66 6.97 -0.23
CA LEU A 126 -6.59 8.36 -0.72
C LEU A 126 -5.16 8.77 -0.94
N LEU A 127 -4.28 8.41 -0.02
CA LEU A 127 -2.88 8.73 -0.18
C LEU A 127 -2.31 8.03 -1.41
N ALA A 128 -2.64 6.76 -1.58
CA ALA A 128 -2.12 5.97 -2.69
C ALA A 128 -2.50 6.56 -4.03
N LEU A 129 -3.75 7.02 -4.13
CA LEU A 129 -4.27 7.61 -5.36
C LEU A 129 -3.50 8.89 -5.72
N THR A 130 -3.25 9.71 -4.72
CA THR A 130 -2.46 10.92 -4.93
C THR A 130 -1.05 10.59 -5.38
N LEU A 131 -0.45 9.62 -4.70
CA LEU A 131 0.92 9.27 -4.97
C LEU A 131 1.08 8.67 -6.36
N TRP A 132 0.04 7.96 -6.81
CA TRP A 132 -0.01 7.39 -8.16
C TRP A 132 -0.06 8.52 -9.20
N LYS A 133 -0.96 9.48 -8.98
CA LYS A 133 -1.07 10.64 -9.86
C LYS A 133 0.28 11.35 -9.96
N GLU A 134 1.02 11.40 -8.84
CA GLU A 134 2.33 12.02 -8.84
C GLU A 134 3.45 11.16 -9.40
N GLN A 135 3.13 9.91 -9.77
CA GLN A 135 4.11 8.95 -10.29
C GLN A 135 5.18 8.58 -9.25
N ASN A 136 4.80 8.68 -7.97
CA ASN A 136 5.61 8.15 -6.89
C ASN A 136 5.09 6.74 -6.61
N TYR A 137 5.41 5.85 -7.53
CA TYR A 137 4.87 4.49 -7.51
C TYR A 137 5.27 3.70 -6.29
N CYS A 138 6.50 3.89 -5.82
CA CYS A 138 6.99 3.13 -4.67
C CYS A 138 6.12 3.39 -3.42
N GLU A 139 5.84 4.66 -3.18
CA GLU A 139 5.05 5.02 -2.01
C GLU A 139 3.56 4.72 -2.19
N SER A 140 3.08 4.95 -3.40
CA SER A 140 1.73 4.59 -3.76
C SER A 140 1.44 3.13 -3.44
N ARG A 141 2.40 2.29 -3.81
CA ARG A 141 2.23 0.85 -3.64
C ARG A 141 2.11 0.50 -2.16
N TYR A 142 2.97 1.09 -1.34
CA TYR A 142 2.95 0.86 0.09
C TYR A 142 1.55 1.15 0.62
N HIS A 143 1.02 2.31 0.27
CA HIS A 143 -0.30 2.67 0.78
C HIS A 143 -1.43 1.81 0.17
N PHE A 144 -1.32 1.42 -1.10
CA PHE A 144 -2.35 0.55 -1.67
C PHE A 144 -2.38 -0.78 -0.92
N LEU A 145 -1.21 -1.24 -0.48
CA LEU A 145 -1.14 -2.53 0.21
C LEU A 145 -1.85 -2.47 1.55
N HIS A 146 -1.91 -1.28 2.15
CA HIS A 146 -2.63 -1.13 3.43
C HIS A 146 -4.04 -0.59 3.27
N SER A 147 -4.48 -0.53 2.02
CA SER A 147 -5.83 -0.13 1.69
C SER A 147 -6.72 -1.35 1.45
N ALA A 148 -7.99 -1.13 1.16
CA ALA A 148 -8.80 -2.27 0.71
C ALA A 148 -9.00 -2.24 -0.80
N ASP A 149 -8.09 -1.56 -1.52
CA ASP A 149 -8.36 -1.25 -2.92
C ASP A 149 -7.49 -2.06 -3.85
N GLY A 150 -7.85 -3.31 -4.07
CA GLY A 150 -7.07 -4.17 -4.94
C GLY A 150 -7.11 -3.73 -6.39
N GLU A 151 -8.24 -3.16 -6.80
CA GLU A 151 -8.42 -2.80 -8.20
C GLU A 151 -7.57 -1.59 -8.56
N GLY A 152 -7.56 -0.57 -7.71
CA GLY A 152 -6.68 0.58 -7.89
C GLY A 152 -5.22 0.15 -7.87
N CYS A 153 -4.90 -0.72 -6.92
CA CYS A 153 -3.54 -1.22 -6.81
C CYS A 153 -3.11 -1.87 -8.11
N ALA A 154 -3.99 -2.68 -8.69
CA ALA A 154 -3.64 -3.41 -9.90
C ALA A 154 -3.41 -2.45 -11.06
N ASN A 155 -4.31 -1.48 -11.22
CA ASN A 155 -4.16 -0.53 -12.29
C ASN A 155 -2.86 0.26 -12.16
N MET A 156 -2.53 0.65 -10.94
CA MET A 156 -1.28 1.33 -10.69
C MET A 156 -0.09 0.43 -11.04
N LEU A 157 -0.16 -0.83 -10.64
CA LEU A 157 0.97 -1.72 -10.87
C LEU A 157 1.14 -2.03 -12.34
N VAL A 158 0.07 -2.03 -13.11
CA VAL A 158 0.21 -2.20 -14.56
C VAL A 158 1.05 -1.05 -15.11
N GLU A 159 0.69 0.17 -14.71
CA GLU A 159 1.43 1.37 -15.13
C GLU A 159 2.90 1.34 -14.67
N TYR A 160 3.13 0.93 -13.43
CA TYR A 160 4.45 0.87 -12.81
C TYR A 160 5.32 -0.18 -13.50
N SER A 161 4.77 -1.37 -13.67
N SER A 161 4.76 -1.37 -13.64
CA SER A 161 5.52 -2.47 -14.28
CA SER A 161 5.41 -2.48 -14.28
C SER A 161 5.91 -2.15 -15.72
C SER A 161 5.91 -2.11 -15.68
N THR A 162 4.99 -1.60 -16.50
CA THR A 162 5.31 -1.27 -17.89
C THR A 162 6.22 -0.04 -18.02
N SER A 163 6.09 0.93 -17.13
CA SER A 163 6.86 2.19 -17.16
C SER A 163 8.26 2.05 -16.62
N ARG A 164 8.41 1.28 -15.54
CA ARG A 164 9.67 1.27 -14.77
C ARG A 164 10.27 -0.10 -14.56
N GLY A 165 9.46 -1.15 -14.68
CA GLY A 165 9.94 -2.51 -14.46
C GLY A 165 10.57 -3.08 -15.71
N PHE A 166 11.16 -4.26 -15.58
CA PHE A 166 11.73 -4.99 -16.73
C PHE A 166 10.76 -6.03 -17.31
N ARG A 167 10.96 -6.39 -18.58
CA ARG A 167 10.01 -7.32 -19.22
C ARG A 167 10.01 -8.72 -18.58
N SER A 168 11.10 -9.08 -17.93
CA SER A 168 11.19 -10.33 -17.17
C SER A 168 10.38 -10.34 -15.84
N GLU A 169 9.69 -9.26 -15.53
CA GLU A 169 9.11 -9.07 -14.19
C GLU A 169 7.60 -8.92 -14.20
N VAL A 170 7.01 -9.08 -15.38
CA VAL A 170 5.59 -8.78 -15.52
C VAL A 170 4.75 -9.66 -14.59
N ASP A 171 5.06 -10.93 -14.53
CA ASP A 171 4.34 -11.83 -13.61
C ASP A 171 4.73 -11.59 -12.13
N MET A 172 5.99 -11.23 -11.90
CA MET A 172 6.49 -11.00 -10.54
C MET A 172 5.83 -9.83 -9.81
N PHE A 173 5.52 -8.72 -10.51
CA PHE A 173 4.89 -7.61 -9.82
C PHE A 173 3.54 -8.04 -9.19
N VAL A 174 2.75 -8.82 -9.91
CA VAL A 174 1.45 -9.21 -9.34
C VAL A 174 1.64 -10.30 -8.28
N ALA A 175 2.60 -11.19 -8.46
CA ALA A 175 2.91 -12.17 -7.42
C ALA A 175 3.31 -11.48 -6.11
N GLN A 176 4.17 -10.46 -6.21
CA GLN A 176 4.65 -9.74 -5.04
C GLN A 176 3.49 -9.09 -4.28
N ALA A 177 2.56 -8.51 -5.04
CA ALA A 177 1.41 -7.84 -4.43
C ALA A 177 0.44 -8.83 -3.79
N VAL A 178 0.11 -9.89 -4.51
CA VAL A 178 -0.81 -10.90 -3.95
C VAL A 178 -0.26 -11.48 -2.67
N LEU A 179 1.03 -11.88 -2.70
CA LEU A 179 1.62 -12.52 -1.53
C LEU A 179 1.66 -11.55 -0.35
N GLN A 180 1.92 -10.27 -0.59
CA GLN A 180 1.94 -9.32 0.51
C GLN A 180 0.55 -9.03 1.02
N PHE A 181 -0.45 -8.96 0.15
CA PHE A 181 -1.85 -8.80 0.65
C PHE A 181 -2.24 -9.97 1.54
N LEU A 182 -1.83 -11.17 1.15
CA LEU A 182 -2.17 -12.37 1.93
C LEU A 182 -1.43 -12.37 3.27
N CYS A 183 -0.22 -11.80 3.30
CA CYS A 183 0.53 -11.67 4.57
C CYS A 183 -0.17 -10.70 5.52
N LEU A 184 -1.05 -9.87 4.99
CA LEU A 184 -1.83 -8.93 5.80
C LEU A 184 -3.25 -9.48 6.05
N LYS A 185 -3.40 -10.77 5.74
CA LYS A 185 -4.63 -11.54 5.78
C LYS A 185 -5.79 -10.92 5.02
N ASN A 186 -5.47 -10.32 3.88
CA ASN A 186 -6.47 -9.67 3.02
C ASN A 186 -6.64 -10.50 1.74
N LYS A 187 -7.36 -11.61 1.82
CA LYS A 187 -7.50 -12.46 0.65
C LYS A 187 -8.44 -11.83 -0.38
N SER A 188 -9.33 -10.95 0.05
CA SER A 188 -10.24 -10.31 -0.90
C SER A 188 -9.51 -9.38 -1.91
N SER A 189 -8.69 -8.48 -1.39
CA SER A 189 -7.92 -7.57 -2.23
C SER A 189 -6.89 -8.34 -3.03
N ALA A 190 -6.35 -9.41 -2.44
CA ALA A 190 -5.39 -10.25 -3.13
C ALA A 190 -6.02 -10.86 -4.39
N SER A 191 -7.24 -11.34 -4.27
CA SER A 191 -7.93 -11.88 -5.43
C SER A 191 -8.23 -10.80 -6.47
N VAL A 192 -8.68 -9.63 -6.02
CA VAL A 192 -9.01 -8.54 -6.94
C VAL A 192 -7.77 -8.00 -7.66
N VAL A 193 -6.67 -7.84 -6.94
CA VAL A 193 -5.47 -7.32 -7.62
C VAL A 193 -5.01 -8.32 -8.67
N PHE A 194 -5.10 -9.62 -8.36
CA PHE A 194 -4.68 -10.62 -9.34
C PHE A 194 -5.53 -10.57 -10.60
N THR A 195 -6.84 -10.54 -10.42
CA THR A 195 -7.76 -10.62 -11.53
C THR A 195 -7.65 -9.37 -12.41
N THR A 196 -7.58 -8.23 -11.76
CA THR A 196 -7.52 -6.96 -12.49
C THR A 196 -6.21 -6.82 -13.23
N TYR A 197 -5.11 -7.18 -12.58
CA TYR A 197 -3.79 -7.02 -13.19
C TYR A 197 -3.63 -7.93 -14.38
N THR A 198 -3.98 -9.19 -14.22
CA THR A 198 -3.76 -10.15 -15.29
C THR A 198 -4.64 -9.83 -16.49
N GLN A 199 -5.86 -9.36 -16.26
CA GLN A 199 -6.72 -8.96 -17.37
C GLN A 199 -6.23 -7.67 -18.07
N LYS A 200 -5.83 -6.67 -17.28
CA LYS A 200 -5.50 -5.36 -17.86
C LYS A 200 -4.05 -5.23 -18.38
N HIS A 201 -3.15 -6.10 -17.96
CA HIS A 201 -1.74 -5.92 -18.35
C HIS A 201 -1.56 -6.31 -19.81
N PRO A 202 -0.93 -5.44 -20.61
CA PRO A 202 -0.81 -5.70 -22.04
C PRO A 202 0.05 -6.91 -22.39
N SER A 203 0.94 -7.31 -21.50
CA SER A 203 1.84 -8.44 -21.73
C SER A 203 1.37 -9.78 -21.16
N ILE A 204 0.12 -9.84 -20.70
CA ILE A 204 -0.47 -11.08 -20.22
C ILE A 204 -1.72 -11.41 -21.05
N GLU A 205 -1.69 -12.58 -21.68
CA GLU A 205 -2.78 -13.03 -22.55
C GLU A 205 -3.88 -13.68 -21.74
N ASP A 206 -4.94 -14.11 -22.41
CA ASP A 206 -6.10 -14.66 -21.72
C ASP A 206 -5.69 -15.82 -20.81
N GLY A 207 -6.38 -15.93 -19.68
CA GLY A 207 -6.06 -16.91 -18.67
C GLY A 207 -6.91 -16.56 -17.48
N PRO A 208 -6.96 -17.45 -16.49
CA PRO A 208 -6.20 -18.71 -16.40
C PRO A 208 -6.81 -19.82 -17.25
N PRO A 209 -6.06 -20.89 -17.52
CA PRO A 209 -4.65 -21.05 -17.12
C PRO A 209 -3.75 -20.13 -17.94
N PHE A 210 -2.57 -19.84 -17.41
CA PHE A 210 -1.64 -18.95 -18.08
C PHE A 210 -0.43 -19.70 -18.63
N VAL A 211 0.29 -19.07 -19.55
CA VAL A 211 1.53 -19.65 -20.03
C VAL A 211 2.61 -19.57 -18.97
N GLU A 212 2.57 -18.52 -18.16
CA GLU A 212 3.56 -18.29 -17.12
C GLU A 212 3.27 -19.15 -15.89
N PRO A 213 4.19 -20.06 -15.52
CA PRO A 213 3.94 -20.86 -14.31
C PRO A 213 3.72 -20.03 -13.04
N LEU A 214 4.43 -18.92 -12.86
CA LEU A 214 4.23 -18.16 -11.63
C LEU A 214 2.80 -17.65 -11.54
N LEU A 215 2.19 -17.31 -12.67
CA LEU A 215 0.81 -16.85 -12.61
C LEU A 215 -0.16 -17.99 -12.27
N ASN A 216 0.11 -19.21 -12.75
CA ASN A 216 -0.77 -20.32 -12.36
C ASN A 216 -0.60 -20.62 -10.87
N PHE A 217 0.64 -20.56 -10.40
CA PHE A 217 0.88 -20.74 -8.97
C PHE A 217 0.01 -19.77 -8.17
N ILE A 218 0.04 -18.49 -8.51
CA ILE A 218 -0.69 -17.50 -7.73
C ILE A 218 -2.22 -17.73 -7.85
N TRP A 219 -2.68 -18.11 -9.04
CA TRP A 219 -4.10 -18.42 -9.26
C TRP A 219 -4.52 -19.57 -8.36
N PHE A 220 -3.75 -20.65 -8.40
CA PHE A 220 -4.04 -21.84 -7.58
C PHE A 220 -3.94 -21.53 -6.08
N LEU A 221 -2.91 -20.78 -5.69
CA LEU A 221 -2.75 -20.38 -4.30
C LEU A 221 -3.98 -19.65 -3.76
N LEU A 222 -4.55 -18.71 -4.53
CA LEU A 222 -5.73 -17.99 -4.10
C LEU A 222 -6.93 -18.93 -3.90
N LEU A 223 -7.07 -19.89 -4.81
CA LEU A 223 -8.12 -20.89 -4.68
C LEU A 223 -7.90 -21.78 -3.45
N ALA A 224 -6.66 -22.19 -3.21
CA ALA A 224 -6.35 -23.02 -2.06
C ALA A 224 -6.55 -22.30 -0.72
N VAL A 225 -6.14 -21.04 -0.66
CA VAL A 225 -6.32 -20.26 0.56
C VAL A 225 -7.79 -20.01 0.79
N ASP A 226 -8.53 -19.62 -0.25
CA ASP A 226 -9.94 -19.32 -0.06
C ASP A 226 -10.74 -20.57 0.33
N GLY A 227 -10.27 -21.74 -0.08
CA GLY A 227 -10.91 -23.01 0.25
C GLY A 227 -10.43 -23.63 1.56
N GLY A 228 -9.47 -22.99 2.21
CA GLY A 228 -8.89 -23.52 3.44
C GLY A 228 -8.16 -24.85 3.27
N LYS A 229 -7.53 -25.06 2.12
CA LYS A 229 -6.97 -26.37 1.78
C LYS A 229 -5.46 -26.47 2.02
N LEU A 230 -5.04 -26.84 3.23
CA LEU A 230 -3.62 -26.83 3.57
C LEU A 230 -2.84 -27.82 2.73
N THR A 231 -3.40 -29.00 2.50
CA THR A 231 -2.65 -29.99 1.74
C THR A 231 -2.39 -29.52 0.31
N VAL A 232 -3.36 -28.82 -0.28
CA VAL A 232 -3.19 -28.27 -1.61
C VAL A 232 -2.11 -27.17 -1.64
N PHE A 233 -2.19 -26.26 -0.67
CA PHE A 233 -1.21 -25.21 -0.47
C PHE A 233 0.20 -25.77 -0.41
N THR A 234 0.37 -26.84 0.37
CA THR A 234 1.68 -27.44 0.51
C THR A 234 2.20 -28.00 -0.81
N VAL A 235 1.34 -28.64 -1.59
CA VAL A 235 1.76 -29.20 -2.86
C VAL A 235 2.19 -28.09 -3.82
N LEU A 236 1.39 -27.03 -3.87
CA LEU A 236 1.69 -25.92 -4.75
C LEU A 236 3.04 -25.32 -4.46
N CYS A 237 3.31 -25.03 -3.19
CA CYS A 237 4.60 -24.45 -2.84
C CYS A 237 5.74 -25.36 -3.27
N GLU A 238 5.55 -26.68 -3.15
CA GLU A 238 6.61 -27.62 -3.51
C GLU A 238 6.84 -27.69 -5.02
N GLN A 239 5.77 -27.77 -5.80
CA GLN A 239 5.93 -28.00 -7.24
C GLN A 239 6.32 -26.74 -8.03
N TYR A 240 6.17 -25.58 -7.42
CA TYR A 240 6.51 -24.32 -8.09
C TYR A 240 7.76 -23.66 -7.54
N GLN A 241 8.60 -24.42 -6.84
CA GLN A 241 9.80 -23.84 -6.27
C GLN A 241 10.71 -23.12 -7.29
N PRO A 242 10.92 -23.68 -8.48
CA PRO A 242 11.79 -22.94 -9.40
C PRO A 242 11.29 -21.53 -9.74
N SER A 243 9.99 -21.38 -9.91
CA SER A 243 9.39 -20.08 -10.11
C SER A 243 9.50 -19.20 -8.84
N LEU A 244 9.28 -19.80 -7.68
CA LEU A 244 9.24 -19.05 -6.44
C LEU A 244 10.62 -18.56 -6.05
N ARG A 245 11.66 -19.20 -6.55
CA ARG A 245 13.02 -18.75 -6.21
C ARG A 245 13.43 -17.46 -6.93
N ARG A 246 12.61 -17.00 -7.86
CA ARG A 246 12.91 -15.80 -8.64
C ARG A 246 12.90 -14.53 -7.79
N ASP A 247 12.11 -14.52 -6.73
CA ASP A 247 12.20 -13.46 -5.71
C ASP A 247 12.60 -14.14 -4.41
N PRO A 248 13.78 -13.81 -3.87
CA PRO A 248 14.25 -14.46 -2.64
C PRO A 248 13.24 -14.43 -1.50
N MET A 249 12.37 -13.43 -1.51
CA MET A 249 11.38 -13.28 -0.43
C MET A 249 10.09 -14.10 -0.59
N TYR A 250 9.82 -14.63 -1.79
CA TYR A 250 8.55 -15.35 -1.98
C TYR A 250 8.36 -16.49 -0.97
N ASN A 251 9.38 -17.31 -0.72
CA ASN A 251 9.18 -18.41 0.23
C ASN A 251 8.98 -17.93 1.65
N GLU A 252 9.55 -16.78 1.97
CA GLU A 252 9.27 -16.18 3.27
C GLU A 252 7.85 -15.65 3.37
N TYR A 253 7.32 -15.03 2.32
CA TYR A 253 5.92 -14.62 2.35
C TYR A 253 5.05 -15.90 2.53
N LEU A 254 5.40 -16.97 1.84
CA LEU A 254 4.58 -18.21 1.88
C LEU A 254 4.66 -18.85 3.25
N ASP A 255 5.80 -18.78 3.90
CA ASP A 255 5.87 -19.21 5.31
C ASP A 255 4.86 -18.45 6.19
N ARG A 256 4.82 -17.13 6.03
CA ARG A 256 3.91 -16.30 6.80
C ARG A 256 2.44 -16.62 6.49
N ILE A 257 2.15 -16.80 5.20
CA ILE A 257 0.80 -17.13 4.76
C ILE A 257 0.36 -18.49 5.35
N GLY A 258 1.24 -19.48 5.31
CA GLY A 258 0.97 -20.79 5.88
C GLY A 258 0.62 -20.72 7.37
N GLN A 259 1.43 -19.95 8.09
CA GLN A 259 1.19 -19.67 9.52
C GLN A 259 -0.15 -19.03 9.78
N LEU A 260 -0.44 -17.98 9.04
CA LEU A 260 -1.64 -17.17 9.27
C LEU A 260 -2.94 -17.89 8.94
N PHE A 261 -2.94 -18.65 7.85
CA PHE A 261 -4.17 -19.26 7.39
C PHE A 261 -4.35 -20.70 7.90
N PHE A 262 -3.25 -21.37 8.23
CA PHE A 262 -3.32 -22.80 8.55
C PHE A 262 -2.56 -23.21 9.81
N GLY A 263 -1.81 -22.30 10.40
CA GLY A 263 -1.01 -22.61 11.58
C GLY A 263 0.24 -23.46 11.32
N VAL A 264 0.69 -23.58 10.08
CA VAL A 264 1.95 -24.31 9.87
C VAL A 264 3.15 -23.47 10.38
N PRO A 265 3.99 -24.06 11.25
CA PRO A 265 5.12 -23.27 11.77
C PRO A 265 6.07 -22.87 10.63
N PRO A 266 6.57 -21.61 10.62
CA PRO A 266 7.44 -21.19 9.51
C PRO A 266 8.67 -22.09 9.35
N LYS A 267 8.99 -22.36 8.08
CA LYS A 267 9.91 -23.42 7.65
C LYS A 267 11.30 -22.89 7.29
N GLN A 268 11.33 -21.72 6.63
CA GLN A 268 12.59 -21.16 6.16
C GLN A 268 13.49 -20.79 7.34
N THR A 269 14.68 -21.36 7.36
CA THR A 269 15.69 -20.99 8.33
C THR A 269 16.30 -19.65 7.93
N SER A 270 16.48 -19.47 6.62
CA SER A 270 16.93 -18.20 6.06
C SER A 270 15.93 -17.10 6.45
N SER A 271 16.44 -15.90 6.68
CA SER A 271 15.56 -14.75 6.88
C SER A 271 16.14 -13.49 6.23
N TYR A 272 15.88 -13.35 4.94
CA TYR A 272 16.14 -12.12 4.22
C TYR A 272 15.31 -11.02 4.84
N GLY A 273 14.18 -11.40 5.43
CA GLY A 273 13.37 -10.49 6.19
C GLY A 273 14.21 -9.75 7.22
N GLY A 274 14.90 -10.50 8.07
CA GLY A 274 15.76 -9.88 9.07
C GLY A 274 16.68 -8.84 8.46
N LEU A 275 17.33 -9.23 7.38
CA LEU A 275 18.18 -8.33 6.60
C LEU A 275 17.44 -7.05 6.20
N LEU A 276 16.30 -7.22 5.54
CA LEU A 276 15.56 -6.09 4.99
C LEU A 276 14.67 -5.37 5.99
N GLY A 277 14.23 -6.12 7.00
CA GLY A 277 13.16 -5.73 7.90
C GLY A 277 12.28 -6.95 8.15
N ASN A 278 12.05 -7.27 9.43
CA ASN A 278 11.29 -8.47 9.81
C ASN A 278 9.84 -8.46 9.30
N LEU A 279 9.42 -9.56 8.69
CA LEU A 279 8.13 -9.62 7.97
C LEU A 279 6.91 -9.22 8.80
N LEU A 280 6.94 -9.53 10.11
CA LEU A 280 5.86 -9.12 10.98
C LEU A 280 5.71 -7.60 11.06
N THR A 281 6.84 -6.89 10.98
CA THR A 281 6.83 -5.44 11.18
C THR A 281 7.47 -4.61 10.06
N SER A 282 7.43 -5.10 8.83
CA SER A 282 8.02 -4.35 7.72
C SER A 282 7.25 -4.51 6.40
N LEU A 283 5.98 -4.93 6.50
CA LEU A 283 5.04 -4.87 5.37
C LEU A 283 4.22 -3.58 5.44
N GLU B 1 2.87 -40.07 -9.32
CA GLU B 1 3.05 -38.75 -8.70
C GLU B 1 2.05 -38.51 -7.58
N PRO B 2 2.52 -38.57 -6.32
CA PRO B 2 1.60 -38.47 -5.20
C PRO B 2 0.88 -37.13 -5.19
N TRP B 3 1.57 -36.07 -5.63
CA TRP B 3 0.99 -34.72 -5.54
C TRP B 3 -0.34 -34.64 -6.32
N ALA B 4 -0.46 -35.42 -7.39
CA ALA B 4 -1.64 -35.28 -8.26
C ALA B 4 -2.91 -35.74 -7.56
N ALA B 5 -2.76 -36.62 -6.59
CA ALA B 5 -3.90 -37.11 -5.83
C ALA B 5 -4.46 -36.03 -4.91
N ALA B 6 -3.63 -35.04 -4.60
CA ALA B 6 -3.93 -34.04 -3.57
C ALA B 6 -4.70 -32.81 -4.08
N VAL B 7 -4.59 -32.55 -5.37
CA VAL B 7 -5.17 -31.35 -5.94
C VAL B 7 -6.40 -31.65 -6.77
N PRO B 8 -7.18 -30.62 -7.05
CA PRO B 8 -8.31 -30.83 -7.96
C PRO B 8 -7.86 -31.43 -9.30
N PRO B 9 -8.60 -32.42 -9.85
CA PRO B 9 -8.18 -33.11 -11.07
C PRO B 9 -7.91 -32.21 -12.27
N GLU B 10 -8.72 -31.18 -12.48
CA GLU B 10 -8.52 -30.29 -13.62
C GLU B 10 -7.23 -29.43 -13.52
N TRP B 11 -6.62 -29.36 -12.34
CA TRP B 11 -5.33 -28.68 -12.19
C TRP B 11 -4.16 -29.51 -12.66
N VAL B 12 -4.35 -30.83 -12.76
CA VAL B 12 -3.22 -31.72 -12.91
C VAL B 12 -2.42 -31.50 -14.18
N PRO B 13 -3.07 -31.41 -15.37
CA PRO B 13 -2.28 -31.15 -16.60
C PRO B 13 -1.54 -29.81 -16.57
N ILE B 14 -2.17 -28.80 -15.98
CA ILE B 14 -1.54 -27.49 -15.87
C ILE B 14 -0.28 -27.60 -15.06
N ILE B 15 -0.38 -28.22 -13.89
CA ILE B 15 0.78 -28.36 -13.03
C ILE B 15 1.85 -29.25 -13.65
N GLN B 16 1.44 -30.35 -14.30
CA GLN B 16 2.40 -31.16 -15.05
C GLN B 16 3.19 -30.32 -16.04
N GLN B 17 2.50 -29.51 -16.83
CA GLN B 17 3.19 -28.69 -17.82
C GLN B 17 4.14 -27.69 -17.15
N ASP B 18 3.66 -27.09 -16.08
CA ASP B 18 4.46 -26.10 -15.37
C ASP B 18 5.69 -26.74 -14.72
N ILE B 19 5.56 -27.96 -14.22
CA ILE B 19 6.72 -28.68 -13.70
C ILE B 19 7.78 -28.85 -14.82
N GLN B 20 7.32 -29.21 -16.01
CA GLN B 20 8.25 -29.40 -17.12
C GLN B 20 8.87 -28.07 -17.60
N SER B 21 8.05 -27.03 -17.75
CA SER B 21 8.53 -25.70 -18.13
C SER B 21 9.63 -25.19 -17.19
N GLN B 22 9.45 -25.42 -15.89
CA GLN B 22 10.40 -24.93 -14.89
C GLN B 22 11.72 -25.68 -14.88
N ARG B 23 11.78 -26.80 -15.59
CA ARG B 23 13.04 -27.51 -15.74
C ARG B 23 13.98 -26.71 -16.64
N LYS B 24 13.42 -25.94 -17.57
CA LYS B 24 14.23 -25.12 -18.48
C LYS B 24 15.06 -24.09 -17.75
N VAL B 25 16.36 -24.07 -18.04
CA VAL B 25 17.24 -23.03 -17.53
C VAL B 25 16.85 -21.66 -18.09
N LYS B 26 16.34 -20.78 -17.23
CA LYS B 26 16.00 -19.42 -17.65
C LYS B 26 16.35 -18.37 -16.57
N PRO B 27 17.64 -18.07 -16.40
CA PRO B 27 18.08 -17.22 -15.27
C PRO B 27 17.38 -15.88 -15.24
N GLN B 28 16.91 -15.47 -14.06
CA GLN B 28 16.28 -14.18 -13.91
C GLN B 28 17.34 -13.11 -14.02
N PRO B 29 17.13 -12.13 -14.91
CA PRO B 29 18.04 -10.98 -14.98
C PRO B 29 17.97 -10.16 -13.67
N PRO B 30 19.01 -9.38 -13.36
CA PRO B 30 18.99 -8.54 -12.14
C PRO B 30 17.69 -7.79 -12.02
N LEU B 31 17.10 -7.86 -10.83
CA LEU B 31 15.78 -7.28 -10.59
C LEU B 31 15.83 -5.75 -10.59
N SER B 32 14.81 -5.14 -11.20
CA SER B 32 14.74 -3.68 -11.32
C SER B 32 14.55 -2.95 -10.00
N ASP B 33 15.03 -1.72 -9.96
CA ASP B 33 14.73 -0.80 -8.85
C ASP B 33 13.24 -0.81 -8.55
N ALA B 34 12.43 -0.76 -9.60
CA ALA B 34 10.98 -0.72 -9.43
C ALA B 34 10.46 -1.95 -8.67
N TYR B 35 10.95 -3.13 -9.03
CA TYR B 35 10.49 -4.36 -8.42
C TYR B 35 10.99 -4.45 -6.99
N LEU B 36 12.27 -4.15 -6.81
CA LEU B 36 12.89 -4.31 -5.51
C LEU B 36 12.38 -3.28 -4.54
N SER B 37 11.78 -2.21 -5.05
CA SER B 37 11.25 -1.16 -4.15
C SER B 37 10.07 -1.69 -3.36
N GLY B 38 9.48 -2.80 -3.82
CA GLY B 38 8.38 -3.45 -3.12
C GLY B 38 8.83 -4.41 -2.03
N MET B 39 10.13 -4.57 -1.84
CA MET B 39 10.62 -5.42 -0.76
C MET B 39 10.25 -4.82 0.58
N PRO B 40 10.15 -5.66 1.61
CA PRO B 40 9.90 -5.17 2.96
C PRO B 40 10.98 -4.23 3.41
N ALA B 41 10.57 -3.23 4.20
CA ALA B 41 11.51 -2.29 4.79
C ALA B 41 10.99 -1.86 6.15
N LYS B 42 11.89 -1.54 7.07
CA LYS B 42 11.49 -1.15 8.41
C LYS B 42 10.90 0.25 8.41
#